data_8D6F
#
_entry.id   8D6F
#
_cell.length_a   50.748
_cell.length_b   112.047
_cell.length_c   72.506
_cell.angle_alpha   90.000
_cell.angle_beta   110.210
_cell.angle_gamma   90.000
#
_symmetry.space_group_name_H-M   'P 1 21 1'
#
loop_
_entity.id
_entity.type
_entity.pdbx_description
1 polymer 'Membrane-associated tyrosine- and threonine-specific cdc2-inhibitory kinase'
2 non-polymer 'SULFATE ION'
3 non-polymer (1M)-2-amino-1-(5-hydroxy-2-methylphenyl)-1H-pyrrolo[2,3-b]quinoxaline-3-carboxamide
4 water water
#
_entity_poly.entity_id   1
_entity_poly.type   'polypeptide(L)'
_entity_poly.pdbx_seq_one_letter_code
;MHHHHHHSSGVDLGTENLYFQSMHQLQPRRVSFRGEASETLQSPGYDPSRPESFFQQSFQRLSRLGHGSYGEVFKVRSKE
DGRLYAVKRSMSPFRGPKDRARKLAEVGSHEKVGQHPCCVRLEQAWEEGGILYLQTELCGPSLQQHCEAWGASLPEAQVW
GYLRDTLLALAHLHSQGLVHLDVKPANIFLGPRGRCKLGDFGLLVELGTAGAGEVQEGDPRYMAPELLQGSYGTAADVFS
LGLTILEVACNMELPHGGEGWQQLRQGYLPPEFTAGLSSELRSVLVMMLEPDPKLRATAEALLALPVLRQP
;
_entity_poly.pdbx_strand_id   B,A
#
# COMPACT_ATOMS: atom_id res chain seq x y z
N GLN A 25 -12.26 -41.02 -4.24
CA GLN A 25 -11.37 -40.12 -4.97
C GLN A 25 -10.84 -39.01 -4.06
N LEU A 26 -10.28 -37.97 -4.66
CA LEU A 26 -9.77 -36.85 -3.91
C LEU A 26 -10.91 -35.95 -3.44
N GLN A 27 -10.73 -35.36 -2.26
CA GLN A 27 -11.77 -34.55 -1.63
C GLN A 27 -11.18 -33.73 -0.50
N PRO A 28 -11.64 -32.49 -0.31
CA PRO A 28 -11.06 -31.64 0.74
C PRO A 28 -11.54 -32.06 2.13
N ARG A 29 -10.60 -32.11 3.06
CA ARG A 29 -10.88 -32.49 4.44
C ARG A 29 -10.46 -31.35 5.36
N ARG A 30 -11.32 -31.06 6.33
CA ARG A 30 -11.08 -29.94 7.25
C ARG A 30 -9.93 -30.25 8.19
N VAL A 31 -9.15 -29.22 8.53
CA VAL A 31 -8.00 -29.35 9.40
C VAL A 31 -8.25 -28.49 10.64
N SER A 32 -8.28 -29.13 11.80
CA SER A 32 -8.47 -28.43 13.06
C SER A 32 -7.94 -29.30 14.19
N PHE A 33 -7.61 -28.65 15.30
CA PHE A 33 -7.11 -29.35 16.48
C PHE A 33 -8.10 -29.28 17.63
N GLN A 42 -18.30 -28.46 3.97
CA GLN A 42 -19.45 -28.30 3.08
C GLN A 42 -19.63 -26.84 2.69
N SER A 43 -19.99 -26.60 1.44
CA SER A 43 -20.19 -25.25 0.94
C SER A 43 -21.00 -25.26 -0.35
N PRO A 44 -22.17 -24.60 -0.38
CA PRO A 44 -22.89 -24.46 -1.65
C PRO A 44 -22.05 -23.76 -2.69
N GLY A 45 -22.34 -24.08 -3.96
CA GLY A 45 -21.50 -23.66 -5.06
C GLY A 45 -20.39 -24.63 -5.37
N TYR A 46 -20.22 -25.66 -4.55
CA TYR A 46 -19.21 -26.70 -4.75
C TYR A 46 -19.90 -28.05 -4.72
N ASP A 47 -19.80 -28.80 -5.80
CA ASP A 47 -20.35 -30.14 -5.91
C ASP A 47 -19.22 -31.14 -5.83
N PRO A 48 -19.35 -32.21 -5.02
CA PRO A 48 -18.25 -33.18 -4.88
C PRO A 48 -17.76 -33.72 -6.22
N SER A 49 -18.61 -33.67 -7.25
CA SER A 49 -18.19 -34.04 -8.60
C SER A 49 -17.32 -32.93 -9.18
N ARG A 50 -17.19 -32.88 -10.51
CA ARG A 50 -16.43 -31.86 -11.24
C ARG A 50 -14.94 -31.91 -10.94
N PRO A 51 -14.08 -31.69 -11.94
CA PRO A 51 -12.63 -31.77 -11.68
C PRO A 51 -12.09 -30.61 -10.89
N GLU A 52 -12.70 -29.43 -10.97
CA GLU A 52 -12.19 -28.26 -10.27
C GLU A 52 -12.13 -28.50 -8.77
N SER A 53 -11.10 -27.94 -8.13
CA SER A 53 -10.88 -28.12 -6.71
C SER A 53 -11.86 -27.29 -5.90
N PHE A 54 -11.96 -27.60 -4.61
CA PHE A 54 -12.84 -26.85 -3.71
C PHE A 54 -12.46 -25.38 -3.68
N PHE A 55 -11.16 -25.08 -3.67
CA PHE A 55 -10.71 -23.69 -3.68
C PHE A 55 -11.10 -23.00 -4.98
N GLN A 56 -10.95 -23.70 -6.11
CA GLN A 56 -11.31 -23.12 -7.40
C GLN A 56 -12.82 -22.95 -7.55
N GLN A 57 -13.60 -23.86 -6.94
CA GLN A 57 -15.05 -23.84 -7.13
C GLN A 57 -15.72 -22.86 -6.16
N SER A 58 -15.36 -22.90 -4.89
CA SER A 58 -16.05 -22.16 -3.86
C SER A 58 -15.43 -20.80 -3.57
N PHE A 59 -14.51 -20.33 -4.40
CA PHE A 59 -13.87 -19.04 -4.20
C PHE A 59 -13.66 -18.34 -5.54
N GLN A 60 -13.53 -17.02 -5.48
CA GLN A 60 -13.22 -16.18 -6.63
C GLN A 60 -11.91 -15.47 -6.37
N ARG A 61 -10.89 -15.78 -7.17
CA ARG A 61 -9.57 -15.18 -7.00
C ARG A 61 -9.60 -13.74 -7.50
N LEU A 62 -9.56 -12.79 -6.58
CA LEU A 62 -9.55 -11.38 -6.96
C LEU A 62 -8.15 -10.90 -7.34
N SER A 63 -7.13 -11.28 -6.56
CA SER A 63 -5.76 -10.88 -6.83
C SER A 63 -4.83 -11.73 -5.99
N ARG A 64 -3.55 -11.72 -6.36
CA ARG A 64 -2.51 -12.46 -5.67
C ARG A 64 -1.75 -11.53 -4.74
N LEU A 65 -1.83 -11.79 -3.43
CA LEU A 65 -1.17 -10.93 -2.45
C LEU A 65 0.31 -11.26 -2.30
N GLY A 66 0.70 -12.51 -2.54
CA GLY A 66 2.09 -12.89 -2.47
C GLY A 66 2.28 -14.30 -2.96
N HIS A 67 3.54 -14.63 -3.26
CA HIS A 67 3.89 -15.97 -3.68
C HIS A 67 5.36 -16.24 -3.35
N GLY A 68 5.66 -17.49 -3.04
CA GLY A 68 7.01 -17.87 -2.69
C GLY A 68 7.14 -19.36 -2.54
N SER A 69 8.26 -19.77 -1.95
CA SER A 69 8.50 -21.20 -1.70
C SER A 69 7.42 -21.80 -0.80
N TYR A 70 6.83 -20.98 0.07
CA TYR A 70 5.73 -21.46 0.90
C TYR A 70 4.49 -21.78 0.07
N GLY A 71 4.30 -21.07 -1.04
CA GLY A 71 3.12 -21.21 -1.86
C GLY A 71 2.64 -19.86 -2.37
N GLU A 72 1.34 -19.62 -2.33
CA GLU A 72 0.77 -18.37 -2.80
C GLU A 72 -0.33 -17.92 -1.85
N VAL A 73 -0.52 -16.60 -1.79
CA VAL A 73 -1.58 -15.98 -1.01
C VAL A 73 -2.43 -15.14 -1.94
N PHE A 74 -3.75 -15.32 -1.86
CA PHE A 74 -4.68 -14.64 -2.74
C PHE A 74 -5.69 -13.84 -1.92
N LYS A 75 -6.05 -12.66 -2.42
CA LYS A 75 -7.22 -11.96 -1.94
C LYS A 75 -8.43 -12.50 -2.70
N VAL A 76 -9.42 -13.02 -1.99
CA VAL A 76 -10.50 -13.76 -2.61
C VAL A 76 -11.84 -13.30 -2.07
N ARG A 77 -12.87 -13.51 -2.87
CA ARG A 77 -14.26 -13.40 -2.45
C ARG A 77 -14.87 -14.79 -2.58
N SER A 78 -15.49 -15.25 -1.50
CA SER A 78 -16.00 -16.63 -1.45
C SER A 78 -17.37 -16.70 -2.09
N LYS A 79 -17.55 -17.66 -3.00
CA LYS A 79 -18.86 -17.90 -3.58
C LYS A 79 -19.87 -18.36 -2.53
N GLU A 80 -19.39 -18.82 -1.37
CA GLU A 80 -20.29 -19.24 -0.29
C GLU A 80 -21.07 -18.04 0.27
N ASP A 81 -20.36 -17.06 0.84
CA ASP A 81 -21.00 -15.95 1.52
C ASP A 81 -20.74 -14.58 0.92
N GLY A 82 -19.85 -14.47 -0.06
CA GLY A 82 -19.60 -13.19 -0.71
C GLY A 82 -18.69 -12.25 0.06
N ARG A 83 -18.26 -12.61 1.26
CA ARG A 83 -17.40 -11.75 2.03
C ARG A 83 -15.96 -11.81 1.50
N LEU A 84 -15.09 -10.97 2.06
CA LEU A 84 -13.70 -10.91 1.64
C LEU A 84 -12.81 -11.64 2.64
N TYR A 85 -11.92 -12.48 2.12
CA TYR A 85 -10.98 -13.23 2.94
C TYR A 85 -9.64 -13.30 2.22
N ALA A 86 -8.61 -13.69 2.97
CA ALA A 86 -7.31 -14.02 2.41
C ALA A 86 -7.06 -15.50 2.59
N VAL A 87 -6.50 -16.13 1.55
CA VAL A 87 -6.28 -17.58 1.55
C VAL A 87 -4.84 -17.86 1.15
N LYS A 88 -4.16 -18.66 1.97
CA LYS A 88 -2.80 -19.11 1.70
C LYS A 88 -2.82 -20.60 1.40
N ARG A 89 -2.17 -21.00 0.31
CA ARG A 89 -2.11 -22.41 -0.08
C ARG A 89 -0.66 -22.81 -0.27
N SER A 90 -0.33 -24.03 0.18
CA SER A 90 1.01 -24.54 0.03
C SER A 90 1.36 -24.71 -1.45
N MET A 91 2.67 -24.69 -1.74
CA MET A 91 3.14 -24.73 -3.12
C MET A 91 2.91 -26.10 -3.75
N SER A 92 3.53 -27.13 -3.19
CA SER A 92 3.54 -28.46 -3.76
C SER A 92 2.92 -29.45 -2.79
N PRO A 93 2.51 -30.64 -3.27
CA PRO A 93 1.88 -31.60 -2.36
C PRO A 93 2.86 -32.07 -1.29
N PHE A 94 2.28 -32.61 -0.21
CA PHE A 94 3.07 -33.08 0.92
C PHE A 94 4.12 -34.08 0.47
N ARG A 95 5.38 -33.80 0.81
CA ARG A 95 6.47 -34.72 0.48
C ARG A 95 6.39 -35.98 1.32
N GLY A 96 5.84 -35.88 2.53
CA GLY A 96 5.70 -37.02 3.40
C GLY A 96 4.97 -36.69 4.68
N PRO A 97 5.01 -37.60 5.65
CA PRO A 97 4.29 -37.36 6.91
C PRO A 97 4.86 -36.20 7.72
N LYS A 98 6.18 -36.04 7.75
CA LYS A 98 6.77 -34.95 8.51
C LYS A 98 6.49 -33.59 7.86
N ASP A 99 6.60 -33.52 6.53
CA ASP A 99 6.26 -32.29 5.82
C ASP A 99 4.80 -31.90 6.06
N ARG A 100 3.91 -32.90 6.07
CA ARG A 100 2.50 -32.63 6.33
C ARG A 100 2.29 -32.12 7.75
N ALA A 101 2.92 -32.77 8.73
CA ALA A 101 2.75 -32.36 10.11
C ALA A 101 3.31 -30.97 10.37
N ARG A 102 4.45 -30.65 9.74
CA ARG A 102 5.02 -29.32 9.89
C ARG A 102 4.11 -28.25 9.33
N LYS A 103 3.50 -28.51 8.17
CA LYS A 103 2.60 -27.52 7.57
C LYS A 103 1.31 -27.38 8.36
N LEU A 104 0.72 -28.50 8.77
CA LEU A 104 -0.51 -28.46 9.55
C LEU A 104 -0.31 -27.81 10.92
N ALA A 105 0.94 -27.72 11.39
CA ALA A 105 1.19 -27.16 12.71
C ALA A 105 0.82 -25.68 12.78
N GLU A 106 0.87 -24.97 11.65
CA GLU A 106 0.50 -23.56 11.64
C GLU A 106 -0.97 -23.37 12.01
N VAL A 107 -1.83 -24.28 11.59
CA VAL A 107 -3.23 -24.24 12.00
C VAL A 107 -3.34 -24.42 13.51
N GLY A 108 -2.61 -25.40 14.05
CA GLY A 108 -2.62 -25.62 15.48
C GLY A 108 -2.09 -24.43 16.26
N SER A 109 -1.01 -23.83 15.77
CA SER A 109 -0.48 -22.62 16.42
C SER A 109 -1.48 -21.48 16.34
N HIS A 110 -2.22 -21.38 15.22
CA HIS A 110 -3.26 -20.38 15.10
C HIS A 110 -4.35 -20.56 16.14
N GLU A 111 -4.72 -21.82 16.40
CA GLU A 111 -5.81 -22.09 17.35
C GLU A 111 -5.38 -21.84 18.79
N LYS A 112 -4.12 -22.12 19.12
CA LYS A 112 -3.63 -21.84 20.46
C LYS A 112 -3.66 -20.35 20.76
N VAL A 113 -3.42 -19.51 19.74
CA VAL A 113 -3.45 -18.08 19.94
C VAL A 113 -4.87 -17.60 20.22
N GLY A 114 -5.86 -18.23 19.62
CA GLY A 114 -7.24 -17.80 19.75
C GLY A 114 -7.48 -16.47 19.07
N GLN A 115 -8.70 -15.98 19.21
CA GLN A 115 -9.07 -14.71 18.61
C GLN A 115 -8.58 -13.55 19.47
N HIS A 116 -8.03 -12.53 18.79
CA HIS A 116 -7.49 -11.36 19.48
C HIS A 116 -7.51 -10.20 18.52
N PRO A 117 -7.79 -8.97 18.99
CA PRO A 117 -7.87 -7.83 18.05
C PRO A 117 -6.58 -7.57 17.29
N CYS A 118 -5.42 -7.89 17.87
CA CYS A 118 -4.14 -7.63 17.24
C CYS A 118 -3.51 -8.88 16.63
N CYS A 119 -4.30 -9.93 16.41
CA CYS A 119 -3.82 -11.17 15.82
C CYS A 119 -4.67 -11.52 14.61
N VAL A 120 -4.03 -11.89 13.50
CA VAL A 120 -4.75 -12.34 12.32
C VAL A 120 -5.60 -13.54 12.69
N ARG A 121 -6.91 -13.45 12.45
CA ARG A 121 -7.85 -14.49 12.84
C ARG A 121 -8.01 -15.50 11.72
N LEU A 122 -7.97 -16.78 12.07
CA LEU A 122 -8.15 -17.86 11.10
C LEU A 122 -9.62 -18.28 11.07
N GLU A 123 -10.22 -18.26 9.89
CA GLU A 123 -11.61 -18.68 9.75
C GLU A 123 -11.72 -20.20 9.70
N GLN A 124 -11.02 -20.83 8.75
CA GLN A 124 -11.05 -22.28 8.62
C GLN A 124 -9.87 -22.72 7.76
N ALA A 125 -9.54 -24.00 7.87
CA ALA A 125 -8.44 -24.58 7.11
C ALA A 125 -8.84 -25.97 6.63
N TRP A 126 -8.29 -26.36 5.48
CA TRP A 126 -8.59 -27.66 4.91
C TRP A 126 -7.40 -28.10 4.06
N GLU A 127 -7.41 -29.38 3.70
CA GLU A 127 -6.38 -29.97 2.86
C GLU A 127 -7.03 -30.71 1.71
N GLU A 128 -6.41 -30.64 0.53
CA GLU A 128 -6.90 -31.36 -0.65
C GLU A 128 -5.74 -31.62 -1.59
N GLY A 129 -5.64 -32.85 -2.08
CA GLY A 129 -4.55 -33.22 -2.98
C GLY A 129 -3.17 -33.00 -2.40
N GLY A 130 -3.02 -33.15 -1.09
CA GLY A 130 -1.75 -32.88 -0.46
C GLY A 130 -1.40 -31.42 -0.35
N ILE A 131 -2.37 -30.53 -0.55
CA ILE A 131 -2.16 -29.09 -0.51
C ILE A 131 -2.94 -28.54 0.69
N LEU A 132 -2.29 -27.70 1.49
CA LEU A 132 -2.88 -27.13 2.69
C LEU A 132 -3.37 -25.72 2.41
N TYR A 133 -4.61 -25.43 2.79
CA TYR A 133 -5.22 -24.13 2.60
C TYR A 133 -5.54 -23.51 3.96
N LEU A 134 -5.18 -22.25 4.13
CA LEU A 134 -5.54 -21.47 5.31
C LEU A 134 -6.37 -20.27 4.88
N GLN A 135 -7.55 -20.12 5.46
CA GLN A 135 -8.44 -19.01 5.17
C GLN A 135 -8.50 -18.11 6.40
N THR A 136 -7.99 -16.88 6.25
CA THR A 136 -7.97 -15.90 7.33
C THR A 136 -8.74 -14.65 6.90
N GLU A 137 -8.98 -13.79 7.88
CA GLU A 137 -9.56 -12.48 7.61
C GLU A 137 -8.65 -11.68 6.67
N LEU A 138 -9.26 -10.83 5.86
CA LEU A 138 -8.50 -9.98 4.96
C LEU A 138 -7.95 -8.78 5.73
N CYS A 139 -6.66 -8.53 5.56
CA CYS A 139 -5.98 -7.41 6.19
C CYS A 139 -5.37 -6.51 5.12
N GLY A 140 -4.84 -5.38 5.56
CA GLY A 140 -4.19 -4.46 4.66
C GLY A 140 -2.81 -4.96 4.29
N PRO A 141 -2.00 -4.09 3.68
CA PRO A 141 -0.64 -4.49 3.30
C PRO A 141 0.19 -4.82 4.54
N SER A 142 1.22 -5.62 4.33
CA SER A 142 2.16 -5.89 5.41
C SER A 142 2.90 -4.62 5.78
N LEU A 143 3.41 -4.59 7.01
CA LEU A 143 4.20 -3.44 7.43
C LEU A 143 5.43 -3.26 6.56
N GLN A 144 5.95 -4.35 6.00
CA GLN A 144 7.05 -4.25 5.05
C GLN A 144 6.60 -3.60 3.75
N GLN A 145 5.47 -4.05 3.21
CA GLN A 145 4.91 -3.43 2.01
C GLN A 145 4.62 -1.94 2.24
N HIS A 146 3.96 -1.62 3.36
CA HIS A 146 3.57 -0.25 3.63
C HIS A 146 4.78 0.67 3.73
N CYS A 147 5.85 0.19 4.37
CA CYS A 147 7.06 1.00 4.48
C CYS A 147 7.74 1.15 3.12
N GLU A 148 7.70 0.10 2.30
CA GLU A 148 8.24 0.17 0.95
C GLU A 148 7.55 1.25 0.13
N ALA A 149 6.22 1.32 0.20
CA ALA A 149 5.49 2.30 -0.60
C ALA A 149 5.81 3.72 -0.17
N TRP A 150 5.95 3.95 1.14
CA TRP A 150 6.31 5.28 1.63
C TRP A 150 7.79 5.57 1.47
N GLY A 151 8.62 4.54 1.39
CA GLY A 151 10.03 4.71 1.08
C GLY A 151 10.80 5.59 2.03
N ALA A 152 10.34 5.75 3.26
CA ALA A 152 11.03 6.59 4.24
C ALA A 152 10.65 6.12 5.63
N SER A 153 11.24 6.77 6.64
CA SER A 153 10.88 6.48 8.02
C SER A 153 9.42 6.85 8.28
N LEU A 154 8.74 6.00 9.04
CA LEU A 154 7.37 6.29 9.38
C LEU A 154 7.30 7.36 10.47
N PRO A 155 6.28 8.22 10.43
CA PRO A 155 6.09 9.18 11.52
C PRO A 155 5.97 8.48 12.86
N GLU A 156 6.66 9.03 13.87
CA GLU A 156 6.69 8.40 15.19
C GLU A 156 5.28 8.12 15.72
N ALA A 157 4.30 8.94 15.33
CA ALA A 157 2.93 8.68 15.74
C ALA A 157 2.44 7.34 15.21
N GLN A 158 2.74 7.03 13.96
CA GLN A 158 2.41 5.71 13.41
C GLN A 158 3.21 4.62 14.10
N VAL A 159 4.48 4.87 14.38
CA VAL A 159 5.35 3.85 14.96
C VAL A 159 4.83 3.42 16.33
N TRP A 160 4.45 4.38 17.17
CA TRP A 160 4.00 4.06 18.53
C TRP A 160 2.74 3.19 18.49
N GLY A 161 1.79 3.52 17.61
CA GLY A 161 0.60 2.71 17.48
C GLY A 161 0.92 1.29 17.04
N TYR A 162 1.79 1.16 16.03
CA TYR A 162 2.20 -0.17 15.59
C TYR A 162 2.98 -0.91 16.67
N LEU A 163 3.87 -0.19 17.37
CA LEU A 163 4.59 -0.81 18.49
C LEU A 163 3.60 -1.27 19.55
N ARG A 164 2.57 -0.47 19.83
CA ARG A 164 1.57 -0.83 20.83
C ARG A 164 0.77 -2.05 20.38
N ASP A 165 0.27 -2.03 19.15
CA ASP A 165 -0.57 -3.12 18.67
C ASP A 165 0.17 -4.45 18.68
N THR A 166 1.44 -4.46 18.27
CA THR A 166 2.20 -5.69 18.27
C THR A 166 2.58 -6.12 19.68
N LEU A 167 2.88 -5.15 20.55
CA LEU A 167 3.13 -5.50 21.95
C LEU A 167 1.88 -6.10 22.60
N LEU A 168 0.70 -5.56 22.28
CA LEU A 168 -0.54 -6.18 22.73
C LEU A 168 -0.66 -7.61 22.24
N ALA A 169 -0.32 -7.84 20.96
CA ALA A 169 -0.35 -9.19 20.41
C ALA A 169 0.68 -10.09 21.08
N LEU A 170 1.90 -9.58 21.26
CA LEU A 170 2.94 -10.37 21.90
C LEU A 170 2.58 -10.68 23.36
N ALA A 171 1.99 -9.71 24.06
CA ALA A 171 1.56 -9.96 25.43
C ALA A 171 0.48 -11.05 25.47
N HIS A 172 -0.40 -11.08 24.47
CA HIS A 172 -1.41 -12.13 24.40
C HIS A 172 -0.76 -13.49 24.20
N LEU A 173 0.17 -13.59 23.24
CA LEU A 173 0.85 -14.85 22.99
C LEU A 173 1.68 -15.28 24.19
N HIS A 174 2.43 -14.34 24.77
CA HIS A 174 3.36 -14.69 25.86
C HIS A 174 2.61 -15.11 27.11
N SER A 175 1.42 -14.55 27.36
CA SER A 175 0.64 -14.94 28.53
C SER A 175 0.24 -16.40 28.50
N GLN A 176 0.20 -17.02 27.32
CA GLN A 176 -0.13 -18.43 27.19
C GLN A 176 1.08 -19.31 26.95
N GLY A 177 2.28 -18.77 27.10
CA GLY A 177 3.49 -19.56 26.92
C GLY A 177 3.88 -19.80 25.48
N LEU A 178 3.44 -18.94 24.56
CA LEU A 178 3.74 -19.08 23.14
C LEU A 178 4.76 -18.05 22.72
N VAL A 179 5.69 -18.46 21.87
CA VAL A 179 6.73 -17.59 21.33
C VAL A 179 6.58 -17.57 19.81
N HIS A 180 6.34 -16.38 19.25
CA HIS A 180 6.13 -16.28 17.80
C HIS A 180 7.37 -16.69 17.02
N LEU A 181 8.53 -16.15 17.40
CA LEU A 181 9.85 -16.46 16.85
C LEU A 181 10.05 -15.96 15.43
N ASP A 182 9.10 -15.23 14.85
CA ASP A 182 9.26 -14.70 13.50
C ASP A 182 8.63 -13.32 13.39
N VAL A 183 8.79 -12.50 14.43
CA VAL A 183 8.28 -11.14 14.39
C VAL A 183 9.14 -10.31 13.45
N LYS A 184 8.50 -9.75 12.42
CA LYS A 184 9.18 -8.91 11.44
C LYS A 184 8.12 -8.16 10.63
N PRO A 185 8.51 -7.09 9.94
CA PRO A 185 7.52 -6.30 9.18
C PRO A 185 6.69 -7.12 8.20
N ALA A 186 7.29 -8.13 7.56
CA ALA A 186 6.55 -8.96 6.62
C ALA A 186 5.39 -9.69 7.29
N ASN A 187 5.50 -9.98 8.59
CA ASN A 187 4.48 -10.73 9.31
C ASN A 187 3.58 -9.84 10.15
N ILE A 188 3.63 -8.52 9.94
CA ILE A 188 2.71 -7.59 10.59
C ILE A 188 1.86 -6.95 9.51
N PHE A 189 0.54 -7.03 9.67
CA PHE A 189 -0.41 -6.62 8.64
C PHE A 189 -1.26 -5.47 9.15
N LEU A 190 -1.34 -4.40 8.36
CA LEU A 190 -2.06 -3.21 8.77
C LEU A 190 -3.56 -3.44 8.78
N GLY A 191 -4.24 -2.72 9.67
CA GLY A 191 -5.68 -2.74 9.73
C GLY A 191 -6.24 -1.35 9.52
N PRO A 192 -7.56 -1.23 9.49
CA PRO A 192 -8.17 0.09 9.27
C PRO A 192 -7.88 1.05 10.41
N ARG A 193 -7.85 2.34 10.07
CA ARG A 193 -7.69 3.42 11.04
C ARG A 193 -6.36 3.32 11.79
N GLY A 194 -5.32 2.88 11.08
CA GLY A 194 -3.98 2.89 11.61
C GLY A 194 -3.62 1.75 12.54
N ARG A 195 -4.43 0.71 12.61
CA ARG A 195 -4.17 -0.47 13.42
C ARG A 195 -3.34 -1.49 12.63
N CYS A 196 -2.87 -2.52 13.34
CA CYS A 196 -2.16 -3.60 12.67
C CYS A 196 -2.34 -4.88 13.48
N LYS A 197 -2.10 -6.01 12.82
CA LYS A 197 -2.25 -7.33 13.42
C LYS A 197 -1.02 -8.18 13.15
N LEU A 198 -0.62 -8.96 14.16
CA LEU A 198 0.46 -9.91 13.98
C LEU A 198 -0.04 -11.18 13.28
N GLY A 199 0.77 -11.68 12.34
CA GLY A 199 0.37 -12.86 11.60
C GLY A 199 1.48 -13.87 11.39
N ASP A 200 1.23 -14.86 10.55
CA ASP A 200 2.18 -15.93 10.23
C ASP A 200 2.67 -16.63 11.49
N PHE A 201 1.88 -17.58 12.00
CA PHE A 201 2.24 -18.36 13.17
C PHE A 201 2.86 -19.70 12.80
N GLY A 202 3.51 -19.79 11.64
CA GLY A 202 4.12 -21.03 11.21
C GLY A 202 5.31 -21.44 12.07
N LEU A 203 6.00 -20.47 12.67
CA LEU A 203 7.16 -20.73 13.51
C LEU A 203 6.83 -20.73 14.99
N LEU A 204 5.57 -20.52 15.37
CA LEU A 204 5.21 -20.41 16.77
C LEU A 204 5.48 -21.73 17.48
N VAL A 205 6.06 -21.63 18.67
CA VAL A 205 6.36 -22.79 19.50
C VAL A 205 5.72 -22.60 20.86
N GLU A 206 5.37 -23.71 21.51
CA GLU A 206 4.81 -23.71 22.85
C GLU A 206 5.88 -24.20 23.82
N LEU A 207 6.20 -23.38 24.81
CA LEU A 207 7.25 -23.72 25.75
C LEU A 207 6.81 -24.84 26.68
N GLY A 208 7.76 -25.70 27.05
CA GLY A 208 7.48 -26.83 27.92
C GLY A 208 7.18 -28.11 27.16
N VAL A 215 12.32 -24.25 17.34
CA VAL A 215 12.16 -25.53 16.68
C VAL A 215 12.46 -25.41 15.19
N GLN A 216 12.34 -24.19 14.65
CA GLN A 216 12.57 -23.92 13.24
C GLN A 216 13.48 -22.72 13.07
N GLU A 217 14.08 -22.64 11.88
CA GLU A 217 14.96 -21.52 11.55
C GLU A 217 14.16 -20.24 11.38
N GLY A 218 14.68 -19.15 11.95
CA GLY A 218 14.08 -17.83 11.81
C GLY A 218 14.97 -16.90 10.99
N ASP A 219 14.43 -15.70 10.77
CA ASP A 219 15.16 -14.68 10.03
C ASP A 219 16.30 -14.15 10.89
N PRO A 220 17.55 -14.28 10.47
CA PRO A 220 18.67 -13.83 11.32
C PRO A 220 18.67 -12.33 11.56
N ARG A 221 18.14 -11.53 10.64
CA ARG A 221 18.11 -10.08 10.82
C ARG A 221 17.38 -9.68 12.10
N TYR A 222 16.38 -10.46 12.52
CA TYR A 222 15.54 -10.11 13.65
C TYR A 222 15.73 -11.04 14.84
N MET A 223 16.71 -11.95 14.81
CA MET A 223 16.84 -12.95 15.85
C MET A 223 17.48 -12.36 17.10
N ALA A 224 16.96 -12.78 18.25
CA ALA A 224 17.53 -12.37 19.53
C ALA A 224 18.94 -12.96 19.69
N PRO A 225 19.82 -12.27 20.41
CA PRO A 225 21.20 -12.78 20.55
C PRO A 225 21.28 -14.14 21.20
N GLU A 226 20.47 -14.39 22.25
CA GLU A 226 20.57 -15.64 22.98
C GLU A 226 20.12 -16.85 22.14
N LEU A 227 19.38 -16.62 21.06
CA LEU A 227 18.94 -17.73 20.21
C LEU A 227 20.12 -18.46 19.57
N LEU A 228 21.23 -17.77 19.33
CA LEU A 228 22.40 -18.42 18.77
C LEU A 228 22.91 -19.54 19.68
N GLN A 229 22.88 -19.31 21.00
CA GLN A 229 23.29 -20.29 21.98
C GLN A 229 22.12 -21.14 22.46
N GLY A 230 21.07 -21.26 21.65
CA GLY A 230 19.89 -21.99 22.08
C GLY A 230 19.02 -21.08 22.91
N SER A 231 18.60 -21.56 24.08
CA SER A 231 17.74 -20.82 25.00
C SER A 231 16.58 -20.12 24.31
N TYR A 232 15.40 -20.71 24.35
CA TYR A 232 14.20 -20.15 23.74
C TYR A 232 13.29 -19.58 24.83
N GLY A 233 12.71 -18.42 24.54
CA GLY A 233 11.80 -17.80 25.50
C GLY A 233 11.05 -16.65 24.87
N THR A 234 10.02 -16.21 25.59
CA THR A 234 9.20 -15.08 25.15
C THR A 234 10.04 -13.83 24.93
N ALA A 235 11.18 -13.70 25.62
CA ALA A 235 12.02 -12.53 25.47
C ALA A 235 12.50 -12.35 24.04
N ALA A 236 12.61 -13.44 23.28
CA ALA A 236 13.13 -13.35 21.91
C ALA A 236 12.22 -12.49 21.03
N ASP A 237 10.90 -12.59 21.24
CA ASP A 237 9.96 -11.81 20.43
C ASP A 237 10.12 -10.32 20.70
N VAL A 238 10.36 -9.94 21.97
CA VAL A 238 10.52 -8.53 22.30
C VAL A 238 11.74 -7.96 21.58
N PHE A 239 12.83 -8.71 21.54
CA PHE A 239 14.02 -8.24 20.82
C PHE A 239 13.76 -8.13 19.33
N SER A 240 13.08 -9.14 18.75
CA SER A 240 12.75 -9.08 17.34
C SER A 240 11.88 -7.87 17.02
N LEU A 241 10.86 -7.61 17.86
CA LEU A 241 10.01 -6.45 17.67
C LEU A 241 10.81 -5.15 17.78
N GLY A 242 11.81 -5.13 18.65
CA GLY A 242 12.65 -3.95 18.75
C GLY A 242 13.38 -3.63 17.45
N LEU A 243 13.92 -4.65 16.79
CA LEU A 243 14.62 -4.43 15.52
C LEU A 243 13.64 -4.07 14.41
N THR A 244 12.45 -4.66 14.41
CA THR A 244 11.45 -4.29 13.41
C THR A 244 11.07 -2.83 13.54
N ILE A 245 10.78 -2.39 14.77
CA ILE A 245 10.47 -0.98 15.00
C ILE A 245 11.67 -0.12 14.65
N LEU A 246 12.87 -0.56 15.07
CA LEU A 246 14.08 0.17 14.75
C LEU A 246 14.30 0.23 13.24
N GLU A 247 13.90 -0.82 12.51
CA GLU A 247 14.02 -0.81 11.06
C GLU A 247 13.03 0.18 10.43
N VAL A 248 11.76 0.10 10.83
CA VAL A 248 10.73 0.91 10.17
C VAL A 248 10.80 2.36 10.61
N ALA A 249 11.14 2.61 11.88
CA ALA A 249 11.21 3.98 12.38
C ALA A 249 12.41 4.74 11.84
N CYS A 250 13.46 4.03 11.41
CA CYS A 250 14.67 4.66 10.90
C CYS A 250 14.91 4.38 9.43
N ASN A 251 14.04 3.60 8.78
CA ASN A 251 14.21 3.20 7.38
C ASN A 251 15.59 2.60 7.13
N MET A 252 16.02 1.73 8.03
CA MET A 252 17.34 1.13 7.99
C MET A 252 17.23 -0.34 7.60
N GLU A 253 18.19 -0.81 6.81
CA GLU A 253 18.22 -2.20 6.37
C GLU A 253 19.05 -3.01 7.36
N LEU A 254 18.40 -3.97 8.02
CA LEU A 254 19.07 -4.74 9.05
C LEU A 254 20.06 -5.73 8.42
N PRO A 255 21.21 -5.95 9.06
CA PRO A 255 22.21 -6.85 8.47
C PRO A 255 21.93 -8.31 8.78
N HIS A 256 22.23 -9.17 7.80
CA HIS A 256 22.05 -10.60 7.99
C HIS A 256 23.14 -11.19 8.88
N GLY A 257 24.33 -10.59 8.88
CA GLY A 257 25.43 -11.12 9.66
C GLY A 257 26.58 -10.15 9.67
N GLY A 258 27.72 -10.63 10.17
CA GLY A 258 28.92 -9.83 10.19
C GLY A 258 29.00 -8.93 11.41
N GLU A 259 29.83 -7.88 11.28
CA GLU A 259 30.05 -6.96 12.39
C GLU A 259 28.80 -6.13 12.67
N GLY A 260 28.09 -5.70 11.62
CA GLY A 260 26.88 -4.92 11.83
C GLY A 260 25.82 -5.67 12.60
N TRP A 261 25.66 -6.97 12.31
CA TRP A 261 24.74 -7.80 13.08
C TRP A 261 25.11 -7.80 14.56
N GLN A 262 26.40 -7.88 14.87
CA GLN A 262 26.83 -7.88 16.26
C GLN A 262 26.57 -6.53 16.94
N GLN A 263 26.81 -5.43 16.21
CA GLN A 263 26.68 -4.11 16.83
C GLN A 263 25.26 -3.84 17.31
N LEU A 264 24.25 -4.33 16.57
CA LEU A 264 22.88 -4.16 17.01
C LEU A 264 22.54 -4.98 18.25
N ARG A 265 23.44 -5.83 18.72
CA ARG A 265 23.17 -6.71 19.85
C ARG A 265 24.16 -6.54 20.99
N GLN A 266 24.91 -5.44 21.01
CA GLN A 266 25.79 -5.11 22.12
C GLN A 266 25.13 -4.22 23.17
N GLY A 267 23.90 -3.77 22.92
CA GLY A 267 23.19 -2.89 23.82
C GLY A 267 23.12 -1.44 23.40
N TYR A 268 23.73 -1.07 22.27
CA TYR A 268 23.65 0.28 21.76
C TYR A 268 23.01 0.29 20.37
N LEU A 269 22.59 1.47 19.94
CA LEU A 269 21.99 1.74 18.65
C LEU A 269 22.98 2.43 17.72
N PRO A 270 22.95 2.13 16.42
CA PRO A 270 23.81 2.82 15.46
C PRO A 270 23.47 4.30 15.42
N PRO A 271 24.41 5.17 15.79
CA PRO A 271 24.08 6.60 15.91
C PRO A 271 23.55 7.23 14.64
N GLU A 272 24.01 6.78 13.47
CA GLU A 272 23.63 7.41 12.21
C GLU A 272 22.11 7.38 12.01
N PHE A 273 21.52 6.18 12.06
CA PHE A 273 20.10 6.06 11.75
C PHE A 273 19.22 6.49 12.91
N THR A 274 19.63 6.22 14.14
CA THR A 274 18.81 6.46 15.32
C THR A 274 18.87 7.91 15.81
N ALA A 275 19.36 8.83 14.98
CA ALA A 275 19.46 10.23 15.40
C ALA A 275 18.08 10.85 15.61
N GLY A 276 17.19 10.68 14.63
CA GLY A 276 15.87 11.30 14.67
C GLY A 276 14.96 10.80 15.76
N LEU A 277 15.33 9.71 16.44
CA LEU A 277 14.46 9.12 17.44
C LEU A 277 14.28 10.06 18.63
N SER A 278 13.05 10.14 19.13
CA SER A 278 12.78 10.88 20.34
C SER A 278 13.42 10.19 21.54
N SER A 279 13.56 10.95 22.64
CA SER A 279 14.14 10.39 23.85
C SER A 279 13.34 9.20 24.35
N GLU A 280 12.01 9.28 24.24
CA GLU A 280 11.16 8.19 24.69
C GLU A 280 11.33 6.96 23.82
N LEU A 281 11.24 7.12 22.49
CA LEU A 281 11.37 5.99 21.58
C LEU A 281 12.73 5.33 21.70
N ARG A 282 13.80 6.14 21.74
CA ARG A 282 15.13 5.59 21.90
C ARG A 282 15.23 4.80 23.20
N SER A 283 14.62 5.30 24.28
CA SER A 283 14.70 4.62 25.56
C SER A 283 13.89 3.31 25.56
N VAL A 284 12.77 3.28 24.84
CA VAL A 284 12.01 2.04 24.74
C VAL A 284 12.76 1.01 23.93
N LEU A 285 13.39 1.44 22.83
CA LEU A 285 14.15 0.50 22.00
C LEU A 285 15.33 -0.10 22.75
N VAL A 286 16.01 0.71 23.57
CA VAL A 286 17.13 0.20 24.35
C VAL A 286 16.67 -0.91 25.30
N MET A 287 15.49 -0.73 25.91
CA MET A 287 14.93 -1.77 26.76
C MET A 287 14.64 -3.03 25.95
N MET A 288 14.07 -2.87 24.75
CA MET A 288 13.71 -4.03 23.95
C MET A 288 14.95 -4.71 23.36
N LEU A 289 16.00 -3.94 23.08
CA LEU A 289 17.24 -4.49 22.52
C LEU A 289 18.26 -4.82 23.60
N GLU A 290 17.83 -5.06 24.82
CA GLU A 290 18.73 -5.45 25.91
C GLU A 290 19.32 -6.82 25.60
N PRO A 291 20.64 -6.94 25.42
CA PRO A 291 21.21 -8.23 25.01
C PRO A 291 20.90 -9.37 25.95
N ASP A 292 20.83 -9.11 27.26
CA ASP A 292 20.62 -10.18 28.24
C ASP A 292 19.13 -10.46 28.36
N PRO A 293 18.68 -11.67 27.98
CA PRO A 293 17.25 -11.98 28.09
C PRO A 293 16.72 -11.94 29.51
N LYS A 294 17.58 -12.22 30.51
CA LYS A 294 17.13 -12.13 31.90
C LYS A 294 16.77 -10.70 32.29
N LEU A 295 17.48 -9.72 31.73
CA LEU A 295 17.27 -8.32 32.05
C LEU A 295 16.32 -7.62 31.10
N ARG A 296 15.99 -8.25 29.98
CA ARG A 296 15.17 -7.60 28.95
C ARG A 296 13.74 -7.41 29.44
N ALA A 297 13.18 -6.24 29.15
CA ALA A 297 11.80 -5.95 29.51
C ALA A 297 10.84 -6.93 28.82
N THR A 298 9.75 -7.22 29.50
CA THR A 298 8.69 -8.05 28.93
C THR A 298 7.65 -7.19 28.23
N ALA A 299 6.82 -7.83 27.40
CA ALA A 299 5.79 -7.11 26.67
C ALA A 299 4.77 -6.50 27.63
N GLU A 300 4.41 -7.22 28.69
CA GLU A 300 3.51 -6.67 29.70
C GLU A 300 4.16 -5.50 30.43
N ALA A 301 5.47 -5.57 30.66
CA ALA A 301 6.17 -4.48 31.32
C ALA A 301 6.22 -3.23 30.44
N LEU A 302 6.55 -3.41 29.16
CA LEU A 302 6.64 -2.27 28.24
C LEU A 302 5.29 -1.57 28.10
N LEU A 303 4.22 -2.35 27.96
CA LEU A 303 2.89 -1.76 27.84
C LEU A 303 2.48 -0.98 29.07
N ALA A 304 3.11 -1.23 30.22
CA ALA A 304 2.83 -0.51 31.45
C ALA A 304 3.66 0.75 31.59
N LEU A 305 4.58 1.03 30.68
CA LEU A 305 5.36 2.24 30.74
C LEU A 305 4.50 3.47 30.41
N PRO A 306 4.90 4.64 30.91
CA PRO A 306 4.11 5.86 30.66
C PRO A 306 3.93 6.20 29.18
N VAL A 307 4.98 6.05 28.38
CA VAL A 307 4.93 6.44 26.97
C VAL A 307 3.83 5.68 26.22
N LEU A 308 3.53 4.45 26.63
CA LEU A 308 2.57 3.59 25.93
C LEU A 308 1.22 3.72 26.63
N ARG A 309 0.36 4.57 26.07
CA ARG A 309 -0.97 4.84 26.60
C ARG A 309 -2.00 4.71 25.49
N GLN A 310 -2.86 3.69 25.59
CA GLN A 310 -4.00 3.46 24.69
C GLN A 310 -4.51 4.70 23.95
N GLN B 27 17.59 0.78 -30.96
CA GLN B 27 18.34 1.87 -30.35
C GLN B 27 17.41 2.82 -29.59
N PRO B 28 17.87 3.30 -28.43
CA PRO B 28 17.03 4.19 -27.61
C PRO B 28 17.03 5.61 -28.18
N ARG B 29 15.85 6.20 -28.27
CA ARG B 29 15.68 7.55 -28.78
C ARG B 29 14.95 8.41 -27.75
N ARG B 30 15.45 9.63 -27.57
CA ARG B 30 14.85 10.56 -26.60
C ARG B 30 13.50 11.07 -27.11
N VAL B 31 12.56 11.24 -26.19
CA VAL B 31 11.21 11.72 -26.52
C VAL B 31 10.98 13.03 -25.79
N SER B 32 10.74 14.10 -26.54
CA SER B 32 10.43 15.40 -25.95
C SER B 32 9.73 16.25 -27.01
N PHE B 33 8.97 17.24 -26.53
CA PHE B 33 8.25 18.18 -27.38
C PHE B 33 8.80 19.60 -27.28
N ARG B 34 10.09 19.73 -26.97
CA ARG B 34 10.73 21.05 -26.89
C ARG B 34 11.87 21.17 -27.88
N SER B 43 23.22 8.41 -22.17
CA SER B 43 23.65 8.28 -20.78
C SER B 43 24.72 7.21 -20.63
N PRO B 44 25.87 7.60 -20.09
CA PRO B 44 26.94 6.63 -19.81
C PRO B 44 26.46 5.52 -18.89
N GLY B 45 27.14 4.38 -18.98
CA GLY B 45 26.70 3.16 -18.33
C GLY B 45 25.86 2.24 -19.20
N TYR B 46 25.59 2.64 -20.44
CA TYR B 46 24.82 1.84 -21.38
C TYR B 46 25.63 1.64 -22.64
N ASP B 47 25.89 0.39 -23.01
CA ASP B 47 26.63 0.10 -24.23
C ASP B 47 25.69 -0.42 -25.31
N PRO B 48 25.65 0.23 -26.47
CA PRO B 48 24.77 -0.24 -27.55
C PRO B 48 25.02 -1.67 -28.00
N SER B 49 26.22 -2.21 -27.78
CA SER B 49 26.51 -3.58 -28.21
C SER B 49 25.79 -4.61 -27.35
N ARG B 50 25.69 -4.36 -26.05
CA ARG B 50 25.00 -5.30 -25.18
C ARG B 50 23.54 -5.45 -25.61
N PRO B 51 22.99 -6.67 -25.57
CA PRO B 51 21.60 -6.85 -26.01
C PRO B 51 20.58 -6.26 -25.05
N GLU B 52 20.90 -6.16 -23.76
CA GLU B 52 19.97 -5.62 -22.78
C GLU B 52 19.56 -4.20 -23.15
N SER B 53 18.32 -3.86 -22.84
CA SER B 53 17.77 -2.57 -23.20
C SER B 53 18.36 -1.46 -22.32
N PHE B 54 18.16 -0.21 -22.78
CA PHE B 54 18.65 0.94 -22.02
C PHE B 54 18.05 0.99 -20.62
N PHE B 55 16.77 0.65 -20.49
CA PHE B 55 16.13 0.64 -19.18
C PHE B 55 16.75 -0.41 -18.26
N GLN B 56 17.01 -1.60 -18.80
CA GLN B 56 17.59 -2.66 -17.97
C GLN B 56 19.03 -2.37 -17.60
N GLN B 57 19.78 -1.66 -18.46
CA GLN B 57 21.19 -1.44 -18.20
C GLN B 57 21.42 -0.26 -17.27
N SER B 58 20.75 0.85 -17.50
CA SER B 58 21.01 2.09 -16.77
C SER B 58 20.12 2.27 -15.55
N PHE B 59 19.38 1.25 -15.13
CA PHE B 59 18.52 1.34 -13.96
C PHE B 59 18.52 0.02 -13.21
N GLN B 60 18.16 0.10 -11.93
CA GLN B 60 18.01 -1.07 -11.07
C GLN B 60 16.57 -1.12 -10.58
N ARG B 61 15.84 -2.17 -10.97
CA ARG B 61 14.45 -2.33 -10.58
C ARG B 61 14.35 -2.70 -9.11
N LEU B 62 13.90 -1.76 -8.27
CA LEU B 62 13.74 -2.06 -6.85
C LEU B 62 12.43 -2.80 -6.59
N SER B 63 11.34 -2.36 -7.20
CA SER B 63 10.04 -2.98 -7.00
C SER B 63 9.08 -2.45 -8.06
N ARG B 64 7.97 -3.15 -8.24
CA ARG B 64 6.93 -2.78 -9.19
C ARG B 64 5.81 -2.09 -8.45
N LEU B 65 5.55 -0.83 -8.81
CA LEU B 65 4.52 -0.04 -8.13
C LEU B 65 3.12 -0.34 -8.66
N GLY B 66 3.00 -0.74 -9.91
CA GLY B 66 1.71 -1.07 -10.47
C GLY B 66 1.85 -1.68 -11.84
N HIS B 67 0.76 -2.30 -12.30
CA HIS B 67 0.71 -2.89 -13.63
C HIS B 67 -0.72 -2.90 -14.13
N GLY B 68 -0.87 -2.77 -15.44
CA GLY B 68 -2.19 -2.76 -16.04
C GLY B 68 -2.09 -2.77 -17.55
N SER B 69 -3.22 -2.48 -18.20
CA SER B 69 -3.25 -2.40 -19.65
C SER B 69 -2.31 -1.33 -20.17
N TYR B 70 -2.07 -0.27 -19.37
CA TYR B 70 -1.12 0.76 -19.76
C TYR B 70 0.31 0.23 -19.80
N GLY B 71 0.63 -0.74 -18.95
CA GLY B 71 1.98 -1.23 -18.82
C GLY B 71 2.38 -1.54 -17.39
N GLU B 72 3.58 -1.11 -16.98
CA GLU B 72 4.07 -1.36 -15.64
C GLU B 72 4.76 -0.10 -15.11
N VAL B 73 4.73 0.04 -13.79
CA VAL B 73 5.41 1.14 -13.10
C VAL B 73 6.36 0.53 -12.09
N PHE B 74 7.62 0.99 -12.11
CA PHE B 74 8.67 0.45 -11.24
C PHE B 74 9.30 1.57 -10.42
N LYS B 75 9.64 1.24 -9.17
CA LYS B 75 10.52 2.08 -8.36
C LYS B 75 11.96 1.70 -8.69
N VAL B 76 12.76 2.68 -9.11
CA VAL B 76 14.09 2.43 -9.64
C VAL B 76 15.08 3.40 -9.01
N ARG B 77 16.35 3.00 -9.03
CA ARG B 77 17.46 3.87 -8.70
C ARG B 77 18.31 4.07 -9.95
N SER B 78 18.55 5.34 -10.31
CA SER B 78 19.25 5.65 -11.54
C SER B 78 20.75 5.60 -11.32
N LYS B 79 21.44 4.83 -12.16
CA LYS B 79 22.89 4.77 -12.11
C LYS B 79 23.56 6.08 -12.51
N GLU B 80 22.83 6.98 -13.17
CA GLU B 80 23.39 8.28 -13.54
C GLU B 80 23.71 9.11 -12.31
N ASP B 81 22.69 9.40 -11.48
CA ASP B 81 22.85 10.28 -10.34
C ASP B 81 22.62 9.61 -9.00
N GLY B 82 22.21 8.35 -8.97
CA GLY B 82 22.04 7.61 -7.73
C GLY B 82 20.74 7.88 -6.98
N ARG B 83 19.92 8.82 -7.44
CA ARG B 83 18.67 9.13 -6.76
C ARG B 83 17.61 8.09 -7.09
N LEU B 84 16.45 8.23 -6.46
CA LEU B 84 15.33 7.32 -6.63
C LEU B 84 14.30 7.94 -7.57
N TYR B 85 13.81 7.14 -8.52
CA TYR B 85 12.81 7.61 -9.47
C TYR B 85 11.78 6.51 -9.70
N ALA B 86 10.66 6.90 -10.29
CA ALA B 86 9.64 5.98 -10.77
C ALA B 86 9.61 6.02 -12.29
N VAL B 87 9.45 4.84 -12.90
CA VAL B 87 9.48 4.71 -14.36
C VAL B 87 8.25 3.94 -14.80
N LYS B 88 7.52 4.48 -15.77
CA LYS B 88 6.37 3.82 -16.36
C LYS B 88 6.72 3.38 -17.77
N ARG B 89 6.41 2.13 -18.10
CA ARG B 89 6.71 1.55 -19.40
C ARG B 89 5.43 0.98 -20.01
N SER B 90 5.24 1.23 -21.30
CA SER B 90 4.08 0.71 -22.00
C SER B 90 4.13 -0.82 -22.07
N MET B 91 2.96 -1.43 -22.21
CA MET B 91 2.87 -2.89 -22.17
C MET B 91 3.48 -3.53 -23.41
N SER B 92 2.91 -3.23 -24.58
CA SER B 92 3.28 -3.86 -25.83
C SER B 92 3.77 -2.83 -26.83
N PRO B 93 4.48 -3.25 -27.87
CA PRO B 93 5.02 -2.27 -28.83
C PRO B 93 3.91 -1.51 -29.55
N PHE B 94 4.30 -0.36 -30.12
CA PHE B 94 3.36 0.49 -30.82
C PHE B 94 2.61 -0.27 -31.91
N ARG B 95 1.27 -0.22 -31.84
CA ARG B 95 0.46 -0.88 -32.85
C ARG B 95 0.56 -0.18 -34.20
N GLY B 96 0.79 1.13 -34.18
CA GLY B 96 0.91 1.90 -35.39
C GLY B 96 1.24 3.36 -35.13
N PRO B 97 1.12 4.20 -36.16
CA PRO B 97 1.44 5.62 -35.96
C PRO B 97 0.47 6.32 -35.01
N LYS B 98 -0.82 5.98 -35.06
CA LYS B 98 -1.78 6.62 -34.16
C LYS B 98 -1.57 6.13 -32.73
N ASP B 99 -1.36 4.84 -32.54
CA ASP B 99 -1.06 4.31 -31.21
C ASP B 99 0.20 4.96 -30.63
N ARG B 100 1.23 5.13 -31.46
CA ARG B 100 2.45 5.76 -31.00
C ARG B 100 2.23 7.21 -30.64
N ALA B 101 1.52 7.95 -31.50
CA ALA B 101 1.29 9.37 -31.25
C ALA B 101 0.43 9.58 -30.01
N ARG B 102 -0.57 8.72 -29.80
CA ARG B 102 -1.41 8.84 -28.61
C ARG B 102 -0.59 8.64 -27.34
N LYS B 103 0.31 7.65 -27.33
CA LYS B 103 1.13 7.40 -26.15
C LYS B 103 2.14 8.51 -25.93
N LEU B 104 2.79 8.97 -27.00
CA LEU B 104 3.76 10.05 -26.88
C LEU B 104 3.13 11.36 -26.43
N ALA B 105 1.81 11.50 -26.59
CA ALA B 105 1.16 12.75 -26.21
C ALA B 105 1.23 13.00 -24.72
N GLU B 106 1.30 11.95 -23.91
CA GLU B 106 1.42 12.12 -22.46
C GLU B 106 2.70 12.84 -22.10
N VAL B 107 3.79 12.57 -22.83
CA VAL B 107 5.03 13.30 -22.62
C VAL B 107 4.82 14.78 -22.93
N GLY B 108 4.16 15.07 -24.05
CA GLY B 108 3.88 16.45 -24.39
C GLY B 108 2.99 17.15 -23.39
N SER B 109 1.95 16.47 -22.92
CA SER B 109 1.09 17.04 -21.90
C SER B 109 1.85 17.26 -20.59
N HIS B 110 2.76 16.33 -20.26
CA HIS B 110 3.59 16.49 -19.07
C HIS B 110 4.47 17.73 -19.20
N GLU B 111 5.01 17.99 -20.39
CA GLU B 111 5.90 19.13 -20.58
C GLU B 111 5.15 20.46 -20.52
N LYS B 112 3.91 20.49 -21.01
CA LYS B 112 3.11 21.70 -20.91
C LYS B 112 2.83 22.09 -19.47
N VAL B 113 2.71 21.09 -18.58
CA VAL B 113 2.46 21.39 -17.18
C VAL B 113 3.65 22.08 -16.54
N GLY B 114 4.87 21.70 -16.95
CA GLY B 114 6.07 22.26 -16.35
C GLY B 114 6.24 21.80 -14.91
N GLN B 115 7.27 22.35 -14.27
CA GLN B 115 7.54 22.01 -12.88
C GLN B 115 6.64 22.80 -11.95
N HIS B 116 6.10 22.11 -10.95
CA HIS B 116 5.22 22.73 -9.97
C HIS B 116 5.25 21.88 -8.72
N PRO B 117 5.20 22.46 -7.52
CA PRO B 117 5.29 21.65 -6.30
C PRO B 117 4.18 20.62 -6.15
N CYS B 118 2.99 20.87 -6.70
CA CYS B 118 1.86 19.96 -6.56
C CYS B 118 1.61 19.12 -7.81
N CYS B 119 2.59 19.03 -8.70
CA CYS B 119 2.47 18.23 -9.92
C CYS B 119 3.64 17.26 -10.01
N VAL B 120 3.34 16.01 -10.35
CA VAL B 120 4.39 15.01 -10.55
C VAL B 120 5.33 15.49 -11.65
N ARG B 121 6.61 15.59 -11.31
CA ARG B 121 7.62 16.12 -12.22
C ARG B 121 8.22 15.01 -13.08
N LEU B 122 8.31 15.26 -14.39
CA LEU B 122 8.91 14.31 -15.32
C LEU B 122 10.37 14.64 -15.54
N GLU B 123 11.24 13.66 -15.33
CA GLU B 123 12.67 13.87 -15.58
C GLU B 123 13.00 13.74 -17.06
N GLN B 124 12.66 12.60 -17.67
CA GLN B 124 12.93 12.39 -19.08
C GLN B 124 12.09 11.23 -19.57
N ALA B 125 11.94 11.15 -20.90
CA ALA B 125 11.18 10.09 -21.54
C ALA B 125 11.91 9.65 -22.80
N TRP B 126 11.77 8.38 -23.13
CA TRP B 126 12.45 7.80 -24.29
C TRP B 126 11.64 6.62 -24.81
N GLU B 127 11.98 6.19 -26.02
CA GLU B 127 11.33 5.04 -26.65
C GLU B 127 12.38 4.07 -27.18
N GLU B 128 12.09 2.78 -27.07
CA GLU B 128 12.95 1.73 -27.61
C GLU B 128 12.11 0.50 -27.89
N GLY B 129 12.30 -0.09 -29.07
CA GLY B 129 11.54 -1.27 -29.45
C GLY B 129 10.05 -1.06 -29.47
N GLY B 130 9.60 0.14 -29.79
CA GLY B 130 8.18 0.44 -29.76
C GLY B 130 7.60 0.57 -28.37
N ILE B 131 8.44 0.72 -27.36
CA ILE B 131 8.01 0.83 -25.97
C ILE B 131 8.38 2.21 -25.46
N LEU B 132 7.42 2.89 -24.84
CA LEU B 132 7.62 4.25 -24.33
C LEU B 132 7.88 4.20 -22.83
N TYR B 133 8.92 4.90 -22.39
CA TYR B 133 9.30 4.98 -20.99
C TYR B 133 9.15 6.42 -20.51
N LEU B 134 8.52 6.60 -19.34
CA LEU B 134 8.44 7.89 -18.69
C LEU B 134 9.10 7.79 -17.32
N GLN B 135 10.06 8.66 -17.06
CA GLN B 135 10.78 8.70 -15.79
C GLN B 135 10.38 9.96 -15.03
N THR B 136 9.74 9.77 -13.88
CA THR B 136 9.30 10.87 -13.03
C THR B 136 9.93 10.74 -11.64
N GLU B 137 9.79 11.80 -10.86
CA GLU B 137 10.20 11.75 -9.47
C GLU B 137 9.38 10.70 -8.72
N LEU B 138 10.00 10.11 -7.70
CA LEU B 138 9.32 9.10 -6.89
C LEU B 138 8.41 9.76 -5.88
N CYS B 139 7.17 9.26 -5.81
CA CYS B 139 6.17 9.75 -4.86
C CYS B 139 5.70 8.57 -4.00
N GLY B 140 4.89 8.90 -2.99
CA GLY B 140 4.34 7.89 -2.13
C GLY B 140 3.18 7.17 -2.79
N PRO B 141 2.42 6.39 -2.02
CA PRO B 141 1.27 5.69 -2.59
C PRO B 141 0.21 6.66 -3.10
N SER B 142 -0.61 6.18 -4.02
CA SER B 142 -1.73 6.96 -4.50
C SER B 142 -2.75 7.17 -3.39
N LEU B 143 -3.56 8.21 -3.55
CA LEU B 143 -4.64 8.47 -2.60
C LEU B 143 -5.62 7.31 -2.54
N GLN B 144 -5.77 6.59 -3.65
CA GLN B 144 -6.63 5.40 -3.65
C GLN B 144 -6.05 4.30 -2.77
N GLN B 145 -4.74 4.03 -2.91
CA GLN B 145 -4.07 3.06 -2.05
C GLN B 145 -4.23 3.43 -0.59
N HIS B 146 -3.96 4.69 -0.26
CA HIS B 146 -4.01 5.14 1.14
C HIS B 146 -5.40 4.96 1.73
N CYS B 147 -6.45 5.25 0.95
CA CYS B 147 -7.81 5.09 1.44
C CYS B 147 -8.17 3.62 1.61
N GLU B 148 -7.70 2.76 0.70
CA GLU B 148 -7.94 1.33 0.86
C GLU B 148 -7.34 0.81 2.16
N ALA B 149 -6.09 1.20 2.45
CA ALA B 149 -5.42 0.76 3.66
C ALA B 149 -6.09 1.32 4.91
N TRP B 150 -6.61 2.55 4.83
CA TRP B 150 -7.26 3.15 5.98
C TRP B 150 -8.65 2.57 6.22
N GLY B 151 -9.28 2.01 5.18
CA GLY B 151 -10.53 1.28 5.33
C GLY B 151 -11.66 2.06 5.97
N ALA B 152 -11.60 3.38 5.96
CA ALA B 152 -12.64 4.22 6.53
C ALA B 152 -12.55 5.59 5.91
N SER B 153 -13.47 6.47 6.32
CA SER B 153 -13.38 7.87 5.91
C SER B 153 -12.10 8.48 6.45
N LEU B 154 -11.45 9.31 5.64
CA LEU B 154 -10.22 9.94 6.07
C LEU B 154 -10.54 11.05 7.07
N PRO B 155 -9.66 11.25 8.06
CA PRO B 155 -9.83 12.39 8.97
C PRO B 155 -9.86 13.69 8.19
N GLU B 156 -10.81 14.56 8.53
CA GLU B 156 -11.00 15.81 7.79
C GLU B 156 -9.71 16.62 7.70
N ALA B 157 -8.83 16.49 8.69
CA ALA B 157 -7.55 17.18 8.62
C ALA B 157 -6.73 16.74 7.41
N GLN B 158 -6.72 15.42 7.14
CA GLN B 158 -6.04 14.92 5.95
C GLN B 158 -6.75 15.41 4.69
N VAL B 159 -8.08 15.44 4.71
CA VAL B 159 -8.85 15.80 3.52
C VAL B 159 -8.54 17.22 3.07
N TRP B 160 -8.49 18.16 4.03
CA TRP B 160 -8.26 19.56 3.69
C TRP B 160 -6.89 19.76 3.01
N GLY B 161 -5.86 19.10 3.53
CA GLY B 161 -4.54 19.24 2.93
C GLY B 161 -4.49 18.75 1.50
N TYR B 162 -5.07 17.57 1.25
CA TYR B 162 -5.10 17.03 -0.11
C TYR B 162 -5.94 17.91 -1.03
N LEU B 163 -7.08 18.39 -0.54
CA LEU B 163 -7.93 19.27 -1.34
C LEU B 163 -7.19 20.54 -1.74
N ARG B 164 -6.43 21.13 -0.82
CA ARG B 164 -5.72 22.37 -1.13
C ARG B 164 -4.60 22.13 -2.15
N ASP B 165 -3.77 21.11 -1.91
CA ASP B 165 -2.67 20.81 -2.83
C ASP B 165 -3.18 20.50 -4.23
N THR B 166 -4.28 19.74 -4.33
CA THR B 166 -4.81 19.43 -5.65
C THR B 166 -5.43 20.66 -6.30
N LEU B 167 -6.05 21.53 -5.51
CA LEU B 167 -6.53 22.80 -6.05
C LEU B 167 -5.35 23.65 -6.55
N LEU B 168 -4.24 23.65 -5.80
CA LEU B 168 -3.04 24.33 -6.27
C LEU B 168 -2.58 23.77 -7.61
N ALA B 169 -2.58 22.44 -7.75
CA ALA B 169 -2.22 21.83 -9.02
C ALA B 169 -3.21 22.21 -10.11
N LEU B 170 -4.50 22.13 -9.80
CA LEU B 170 -5.53 22.48 -10.79
C LEU B 170 -5.45 23.96 -11.16
N ALA B 171 -5.21 24.84 -10.18
CA ALA B 171 -5.03 26.24 -10.47
C ALA B 171 -3.83 26.46 -11.40
N HIS B 172 -2.76 25.69 -11.19
CA HIS B 172 -1.59 25.78 -12.06
C HIS B 172 -1.94 25.34 -13.48
N LEU B 173 -2.61 24.20 -13.61
CA LEU B 173 -2.99 23.71 -14.94
C LEU B 173 -3.98 24.65 -15.61
N HIS B 174 -5.01 25.10 -14.86
CA HIS B 174 -6.07 25.89 -15.46
C HIS B 174 -5.58 27.27 -15.89
N SER B 175 -4.61 27.85 -15.18
CA SER B 175 -4.07 29.14 -15.57
C SER B 175 -3.40 29.11 -16.94
N GLN B 176 -2.99 27.94 -17.41
CA GLN B 176 -2.35 27.78 -18.71
C GLN B 176 -3.29 27.20 -19.76
N GLY B 177 -4.58 27.12 -19.46
CA GLY B 177 -5.54 26.59 -20.42
C GLY B 177 -5.53 25.10 -20.56
N LEU B 178 -5.08 24.37 -19.54
CA LEU B 178 -5.02 22.91 -19.58
C LEU B 178 -6.10 22.32 -18.68
N VAL B 179 -6.72 21.25 -19.14
CA VAL B 179 -7.75 20.53 -18.39
C VAL B 179 -7.27 19.10 -18.20
N HIS B 180 -7.13 18.69 -16.93
CA HIS B 180 -6.62 17.35 -16.62
C HIS B 180 -7.56 16.27 -17.14
N LEU B 181 -8.86 16.40 -16.84
CA LEU B 181 -9.94 15.54 -17.30
C LEU B 181 -9.92 14.14 -16.68
N ASP B 182 -8.99 13.85 -15.77
CA ASP B 182 -8.95 12.53 -15.13
C ASP B 182 -8.53 12.67 -13.67
N VAL B 183 -9.02 13.70 -13.00
CA VAL B 183 -8.73 13.88 -11.58
C VAL B 183 -9.50 12.85 -10.78
N LYS B 184 -8.78 12.03 -10.02
CA LYS B 184 -9.37 10.98 -9.20
C LYS B 184 -8.30 10.48 -8.23
N PRO B 185 -8.70 9.77 -7.16
CA PRO B 185 -7.71 9.31 -6.17
C PRO B 185 -6.55 8.52 -6.75
N ALA B 186 -6.80 7.70 -7.78
CA ALA B 186 -5.72 6.91 -8.37
C ALA B 186 -4.64 7.80 -8.97
N ASN B 187 -4.98 9.01 -9.39
CA ASN B 187 -4.04 9.91 -10.04
C ASN B 187 -3.52 11.00 -9.11
N ILE B 188 -3.75 10.86 -7.81
CA ILE B 188 -3.19 11.76 -6.80
C ILE B 188 -2.24 10.93 -5.94
N PHE B 189 -1.01 11.41 -5.81
CA PHE B 189 0.05 10.65 -5.14
C PHE B 189 0.47 11.37 -3.88
N LEU B 190 0.46 10.64 -2.77
CA LEU B 190 0.73 11.24 -1.46
C LEU B 190 2.20 11.57 -1.30
N GLY B 191 2.48 12.65 -0.56
CA GLY B 191 3.82 13.02 -0.19
C GLY B 191 3.99 13.11 1.31
N PRO B 192 5.22 13.34 1.76
CA PRO B 192 5.47 13.46 3.20
C PRO B 192 4.81 14.71 3.77
N ARG B 193 4.47 14.63 5.07
CA ARG B 193 3.91 15.75 5.82
C ARG B 193 2.57 16.22 5.26
N GLY B 194 1.78 15.28 4.74
CA GLY B 194 0.41 15.57 4.34
C GLY B 194 0.24 16.24 2.99
N ARG B 195 1.29 16.32 2.18
CA ARG B 195 1.17 16.90 0.85
C ARG B 195 0.74 15.83 -0.17
N CYS B 196 0.38 16.28 -1.36
CA CYS B 196 0.05 15.38 -2.45
C CYS B 196 0.30 16.09 -3.78
N LYS B 197 0.46 15.29 -4.83
CA LYS B 197 0.78 15.80 -6.16
C LYS B 197 -0.17 15.17 -7.18
N LEU B 198 -0.61 15.99 -8.13
CA LEU B 198 -1.45 15.50 -9.22
C LEU B 198 -0.59 14.88 -10.31
N GLY B 199 -1.03 13.73 -10.82
CA GLY B 199 -0.29 13.03 -11.84
C GLY B 199 -1.13 12.47 -12.97
N ASP B 200 -0.51 11.65 -13.82
CA ASP B 200 -1.14 11.01 -14.97
C ASP B 200 -1.81 12.03 -15.87
N PHE B 201 -1.02 12.67 -16.74
CA PHE B 201 -1.52 13.67 -17.69
C PHE B 201 -1.81 13.07 -19.06
N GLY B 202 -2.15 11.78 -19.11
CA GLY B 202 -2.45 11.14 -20.38
C GLY B 202 -3.71 11.66 -21.04
N LEU B 203 -4.66 12.14 -20.26
CA LEU B 203 -5.92 12.67 -20.78
C LEU B 203 -5.93 14.19 -20.86
N LEU B 204 -4.83 14.85 -20.48
CA LEU B 204 -4.80 16.31 -20.45
C LEU B 204 -4.97 16.88 -21.85
N VAL B 205 -5.80 17.91 -21.95
CA VAL B 205 -6.05 18.60 -23.22
C VAL B 205 -5.77 20.09 -23.03
N GLU B 206 -5.39 20.75 -24.13
CA GLU B 206 -5.17 22.19 -24.15
C GLU B 206 -6.33 22.85 -24.89
N LEU B 207 -6.99 23.79 -24.21
CA LEU B 207 -8.16 24.44 -24.79
C LEU B 207 -7.74 25.36 -25.94
N GLY B 208 -8.59 25.43 -26.95
CA GLY B 208 -8.32 26.25 -28.12
C GLY B 208 -7.69 25.48 -29.25
N VAL B 215 -10.98 15.05 -25.42
CA VAL B 215 -10.48 14.38 -26.61
C VAL B 215 -10.52 12.87 -26.43
N GLN B 216 -10.51 12.42 -25.18
CA GLN B 216 -10.51 11.00 -24.85
C GLN B 216 -11.58 10.72 -23.80
N GLU B 217 -11.97 9.45 -23.73
CA GLU B 217 -12.97 9.03 -22.76
C GLU B 217 -12.37 9.05 -21.35
N GLY B 218 -13.16 9.56 -20.41
CA GLY B 218 -12.76 9.62 -19.02
C GLY B 218 -13.58 8.70 -18.14
N ASP B 219 -13.19 8.68 -16.87
CA ASP B 219 -13.89 7.85 -15.88
C ASP B 219 -15.27 8.45 -15.60
N PRO B 220 -16.36 7.74 -15.88
CA PRO B 220 -17.69 8.33 -15.68
C PRO B 220 -18.00 8.66 -14.24
N ARG B 221 -17.43 7.91 -13.28
CA ARG B 221 -17.68 8.18 -11.87
C ARG B 221 -17.30 9.60 -11.48
N TYR B 222 -16.30 10.18 -12.14
CA TYR B 222 -15.79 11.51 -11.81
C TYR B 222 -16.09 12.53 -12.88
N MET B 223 -16.92 12.19 -13.86
CA MET B 223 -17.17 13.05 -15.00
C MET B 223 -18.10 14.21 -14.63
N ALA B 224 -17.77 15.41 -15.10
CA ALA B 224 -18.63 16.56 -14.92
C ALA B 224 -19.92 16.39 -15.75
N PRO B 225 -21.03 16.96 -15.28
CA PRO B 225 -22.29 16.80 -16.03
C PRO B 225 -22.23 17.38 -17.43
N GLU B 226 -21.63 18.57 -17.60
CA GLU B 226 -21.62 19.22 -18.90
C GLU B 226 -20.77 18.47 -19.93
N LEU B 227 -19.89 17.57 -19.49
CA LEU B 227 -19.09 16.80 -20.44
C LEU B 227 -19.98 15.92 -21.32
N LEU B 228 -21.13 15.50 -20.80
CA LEU B 228 -22.08 14.72 -21.59
C LEU B 228 -22.55 15.50 -22.80
N GLN B 229 -22.75 16.81 -22.65
CA GLN B 229 -23.20 17.65 -23.76
C GLN B 229 -22.05 18.26 -24.55
N GLY B 230 -20.85 17.69 -24.44
CA GLY B 230 -19.71 18.18 -25.21
C GLY B 230 -19.03 19.43 -24.71
N SER B 231 -19.44 19.95 -23.55
CA SER B 231 -18.88 21.21 -23.04
C SER B 231 -17.65 20.89 -22.20
N TYR B 232 -16.47 21.14 -22.78
CA TYR B 232 -15.21 20.90 -22.08
C TYR B 232 -14.64 22.23 -21.59
N GLY B 233 -14.13 22.23 -20.37
CA GLY B 233 -13.55 23.42 -19.78
C GLY B 233 -12.86 23.08 -18.48
N THR B 234 -12.10 24.06 -17.98
CA THR B 234 -11.41 23.88 -16.71
C THR B 234 -12.37 23.53 -15.58
N ALA B 235 -13.64 23.94 -15.70
CA ALA B 235 -14.63 23.63 -14.67
C ALA B 235 -14.79 22.13 -14.46
N ALA B 236 -14.51 21.33 -15.50
CA ALA B 236 -14.70 19.88 -15.38
C ALA B 236 -13.79 19.29 -14.31
N ASP B 237 -12.55 19.79 -14.21
CA ASP B 237 -11.63 19.28 -13.20
C ASP B 237 -12.11 19.58 -11.80
N VAL B 238 -12.70 20.76 -11.59
CA VAL B 238 -13.19 21.14 -10.26
C VAL B 238 -14.28 20.18 -9.81
N PHE B 239 -15.20 19.81 -10.70
CA PHE B 239 -16.24 18.86 -10.35
C PHE B 239 -15.67 17.49 -10.03
N SER B 240 -14.70 17.03 -10.83
CA SER B 240 -14.05 15.75 -10.56
C SER B 240 -13.39 15.75 -9.19
N LEU B 241 -12.68 16.84 -8.86
CA LEU B 241 -12.07 16.96 -7.55
C LEU B 241 -13.11 16.96 -6.44
N GLY B 242 -14.27 17.57 -6.69
CA GLY B 242 -15.34 17.56 -5.70
C GLY B 242 -15.81 16.16 -5.37
N LEU B 243 -16.00 15.34 -6.40
CA LEU B 243 -16.39 13.95 -6.17
C LEU B 243 -15.25 13.13 -5.57
N THR B 244 -14.01 13.46 -5.96
CA THR B 244 -12.84 12.80 -5.37
C THR B 244 -12.79 13.03 -3.86
N ILE B 245 -12.92 14.28 -3.43
CA ILE B 245 -12.95 14.59 -2.00
C ILE B 245 -14.16 13.95 -1.35
N LEU B 246 -15.33 14.06 -1.99
CA LEU B 246 -16.55 13.46 -1.45
C LEU B 246 -16.40 11.96 -1.29
N GLU B 247 -15.66 11.30 -2.19
CA GLU B 247 -15.45 9.86 -2.08
C GLU B 247 -14.57 9.51 -0.88
N VAL B 248 -13.43 10.21 -0.74
CA VAL B 248 -12.47 9.85 0.29
C VAL B 248 -12.92 10.33 1.67
N ALA B 249 -13.58 11.49 1.72
CA ALA B 249 -14.03 12.02 3.01
C ALA B 249 -15.20 11.25 3.59
N CYS B 250 -15.97 10.56 2.76
CA CYS B 250 -17.14 9.81 3.22
C CYS B 250 -17.00 8.30 3.03
N ASN B 251 -15.88 7.83 2.48
CA ASN B 251 -15.68 6.41 2.18
C ASN B 251 -16.83 5.86 1.35
N MET B 252 -17.23 6.63 0.33
CA MET B 252 -18.38 6.30 -0.51
C MET B 252 -17.91 5.85 -1.88
N GLU B 253 -18.60 4.86 -2.44
CA GLU B 253 -18.29 4.34 -3.75
C GLU B 253 -19.11 5.09 -4.81
N LEU B 254 -18.43 5.78 -5.70
CA LEU B 254 -19.13 6.59 -6.69
C LEU B 254 -19.76 5.70 -7.76
N PRO B 255 -20.96 6.06 -8.23
CA PRO B 255 -21.62 5.21 -9.23
C PRO B 255 -21.15 5.50 -10.65
N HIS B 256 -21.10 4.44 -11.46
CA HIS B 256 -20.73 4.60 -12.86
C HIS B 256 -21.87 5.21 -13.67
N GLY B 257 -23.10 4.99 -13.25
CA GLY B 257 -24.24 5.50 -13.99
C GLY B 257 -25.52 5.29 -13.21
N GLY B 258 -26.64 5.51 -13.90
CA GLY B 258 -27.94 5.29 -13.31
C GLY B 258 -28.44 6.49 -12.52
N GLU B 259 -29.41 6.20 -11.64
CA GLU B 259 -30.04 7.26 -10.85
C GLU B 259 -29.06 7.87 -9.85
N GLY B 260 -28.24 7.04 -9.21
CA GLY B 260 -27.26 7.56 -8.27
C GLY B 260 -26.28 8.53 -8.91
N TRP B 261 -25.85 8.22 -10.14
CA TRP B 261 -25.00 9.13 -10.89
C TRP B 261 -25.67 10.48 -11.08
N GLN B 262 -26.97 10.48 -11.40
CA GLN B 262 -27.70 11.73 -11.57
C GLN B 262 -27.83 12.49 -10.26
N GLN B 263 -28.04 11.76 -9.16
CA GLN B 263 -28.28 12.38 -7.86
C GLN B 263 -27.09 13.23 -7.42
N LEU B 264 -25.88 12.75 -7.69
CA LEU B 264 -24.67 13.51 -7.35
C LEU B 264 -24.48 14.73 -8.24
N ARG B 265 -25.30 14.88 -9.28
CA ARG B 265 -25.16 15.96 -10.24
C ARG B 265 -26.41 16.82 -10.35
N GLN B 266 -27.29 16.74 -9.35
CA GLN B 266 -28.47 17.60 -9.27
C GLN B 266 -28.23 18.86 -8.47
N GLY B 267 -27.07 19.01 -7.85
CA GLY B 267 -26.74 20.17 -7.06
C GLY B 267 -26.79 19.99 -5.55
N TYR B 268 -27.18 18.81 -5.07
CA TYR B 268 -27.20 18.53 -3.64
C TYR B 268 -26.31 17.33 -3.34
N LEU B 269 -26.03 17.15 -2.05
CA LEU B 269 -25.28 15.97 -1.63
C LEU B 269 -26.23 14.95 -1.02
N PRO B 270 -26.00 13.65 -1.24
CA PRO B 270 -26.82 12.63 -0.59
C PRO B 270 -26.66 12.69 0.91
N PRO B 271 -27.74 13.00 1.64
CA PRO B 271 -27.61 13.25 3.09
C PRO B 271 -27.03 12.09 3.88
N GLU B 272 -27.28 10.84 3.45
CA GLU B 272 -26.86 9.68 4.23
C GLU B 272 -25.36 9.68 4.50
N PHE B 273 -24.56 9.74 3.45
CA PHE B 273 -23.11 9.62 3.62
C PHE B 273 -22.48 10.92 4.12
N THR B 274 -22.99 12.06 3.68
CA THR B 274 -22.37 13.36 3.98
C THR B 274 -22.73 13.89 5.36
N ALA B 275 -23.24 13.05 6.26
CA ALA B 275 -23.64 13.52 7.58
C ALA B 275 -22.44 13.98 8.39
N GLY B 276 -21.39 13.15 8.46
CA GLY B 276 -20.24 13.46 9.29
C GLY B 276 -19.42 14.65 8.84
N LEU B 277 -19.66 15.16 7.63
CA LEU B 277 -18.87 16.27 7.10
C LEU B 277 -19.13 17.54 7.90
N SER B 278 -18.06 18.30 8.13
CA SER B 278 -18.20 19.60 8.78
C SER B 278 -18.95 20.58 7.86
N SER B 279 -19.47 21.64 8.48
CA SER B 279 -20.20 22.65 7.72
C SER B 279 -19.33 23.28 6.66
N GLU B 280 -18.05 23.51 6.95
CA GLU B 280 -17.16 24.13 5.98
C GLU B 280 -16.91 23.22 4.79
N LEU B 281 -16.55 21.95 5.05
CA LEU B 281 -16.28 21.02 3.98
C LEU B 281 -17.50 20.80 3.10
N ARG B 282 -18.67 20.61 3.74
CA ARG B 282 -19.91 20.45 2.98
C ARG B 282 -20.17 21.66 2.09
N SER B 283 -19.93 22.87 2.60
CA SER B 283 -20.21 24.07 1.83
C SER B 283 -19.23 24.22 0.67
N VAL B 284 -17.98 23.80 0.85
CA VAL B 284 -17.01 23.82 -0.25
C VAL B 284 -17.41 22.82 -1.31
N LEU B 285 -17.86 21.63 -0.89
CA LEU B 285 -18.26 20.60 -1.85
C LEU B 285 -19.45 21.05 -2.68
N VAL B 286 -20.42 21.75 -2.07
CA VAL B 286 -21.57 22.24 -2.82
C VAL B 286 -21.13 23.20 -3.91
N MET B 287 -20.14 24.05 -3.61
CA MET B 287 -19.59 24.94 -4.63
C MET B 287 -18.94 24.16 -5.76
N MET B 288 -18.18 23.12 -5.42
CA MET B 288 -17.46 22.35 -6.44
C MET B 288 -18.39 21.47 -7.26
N LEU B 289 -19.49 21.00 -6.66
CA LEU B 289 -20.44 20.14 -7.35
C LEU B 289 -21.58 20.92 -7.99
N GLU B 290 -21.37 22.20 -8.27
CA GLU B 290 -22.38 23.01 -8.94
C GLU B 290 -22.60 22.52 -10.36
N PRO B 291 -23.80 22.04 -10.72
CA PRO B 291 -24.00 21.46 -12.05
C PRO B 291 -23.65 22.40 -13.19
N ASP B 292 -23.92 23.69 -13.03
CA ASP B 292 -23.70 24.65 -14.11
C ASP B 292 -22.25 25.08 -14.14
N PRO B 293 -21.50 24.77 -15.19
CA PRO B 293 -20.09 25.19 -15.25
C PRO B 293 -19.92 26.70 -15.26
N LYS B 294 -20.92 27.45 -15.75
CA LYS B 294 -20.84 28.90 -15.73
C LYS B 294 -20.83 29.43 -14.30
N LEU B 295 -21.57 28.78 -13.40
CA LEU B 295 -21.69 29.21 -12.02
C LEU B 295 -20.71 28.51 -11.08
N ARG B 296 -20.05 27.45 -11.53
CA ARG B 296 -19.20 26.67 -10.65
C ARG B 296 -17.95 27.46 -10.27
N ALA B 297 -17.57 27.38 -8.99
CA ALA B 297 -16.37 28.06 -8.51
C ALA B 297 -15.14 27.54 -9.24
N THR B 298 -14.17 28.43 -9.42
CA THR B 298 -12.89 28.07 -10.02
C THR B 298 -11.89 27.68 -8.93
N ALA B 299 -10.81 27.02 -9.36
CA ALA B 299 -9.79 26.60 -8.41
C ALA B 299 -9.12 27.80 -7.75
N GLU B 300 -8.88 28.87 -8.52
CA GLU B 300 -8.34 30.09 -7.94
C GLU B 300 -9.30 30.73 -6.95
N ALA B 301 -10.61 30.63 -7.22
CA ALA B 301 -11.61 31.19 -6.31
C ALA B 301 -11.65 30.40 -5.01
N LEU B 302 -11.66 29.07 -5.10
CA LEU B 302 -11.73 28.24 -3.90
C LEU B 302 -10.50 28.43 -3.01
N LEU B 303 -9.31 28.53 -3.62
CA LEU B 303 -8.09 28.74 -2.86
C LEU B 303 -8.10 30.07 -2.13
N ALA B 304 -8.91 31.03 -2.56
CA ALA B 304 -9.02 32.32 -1.90
C ALA B 304 -10.03 32.33 -0.77
N LEU B 305 -10.78 31.25 -0.58
CA LEU B 305 -11.73 31.18 0.52
C LEU B 305 -10.99 31.11 1.85
N PRO B 306 -11.63 31.56 2.94
CA PRO B 306 -10.94 31.51 4.24
C PRO B 306 -10.55 30.11 4.67
N VAL B 307 -11.44 29.13 4.50
CA VAL B 307 -11.16 27.77 4.93
C VAL B 307 -9.96 27.18 4.20
N LEU B 308 -9.74 27.58 2.94
CA LEU B 308 -8.70 26.99 2.11
C LEU B 308 -7.44 27.85 2.05
N ARG B 309 -7.01 28.39 3.17
CA ARG B 309 -5.76 29.16 3.25
C ARG B 309 -4.99 28.62 4.44
N GLN B 310 -3.91 27.89 4.15
CA GLN B 310 -2.96 27.34 5.12
C GLN B 310 -2.91 28.04 6.48
#